data_7AV2
#
_entry.id   7AV2
#
_cell.length_a   77.818
_cell.length_b   87.025
_cell.length_c   98.888
_cell.angle_alpha   90.000
_cell.angle_beta   90.000
_cell.angle_gamma   90.000
#
_symmetry.space_group_name_H-M   'P 21 21 21'
#
loop_
_entity.id
_entity.type
_entity.pdbx_description
1 polymer 'Leukotriene A-4 hydrolase'
2 non-polymer 'ZINC ION'
3 non-polymer 'ACETATE ION'
4 non-polymer 'YTTERBIUM (III) ION'
5 non-polymer IMIDAZOLE
6 non-polymer (4-phenoxyphenyl)methanol
7 water water
#
_entity_poly.entity_id   1
_entity_poly.type   'polypeptide(L)'
_entity_poly.pdbx_seq_one_letter_code
;GPGPEIVDTCSLASPASVCRTKHLHLRCSVDFTRRTLTGTAALTVQSQEDNLRSLVLDTKDLTIEKVVINGQEVKYALGE
RQSYKGSPMEISLPIALSKNQEIVIEISFETSPKSSALQWLTPEQTSGKEHPYLFSQCQAIHCRAILPCQDTPSVKLTYT
AEVSVPKELVALMSAIRDGETPDPEDPSRKIYKFIQKVPIPCYLIALVVGALESRQIGPRTLVWSEKEQVEKSAYEFSET
ESMLKIAEDLGGPYVWGQYDLLVLPPSFPYGGMENPCLTFVTPTLLAGDKSLSNVIAHEISHSWTGNLVTNKTWDHFWLN
EGHTVYLERHICGRLFGEKFRHFNALGGWGELQNSVKTFGETHPFTKLVVDLTDIDPDVAYSSVPYEKGFALLFYLEQLL
GGPEIFLGFLKAYVEKFSYKSITTDDWKDFLYSYFKDKVDVLNQVDWNAWLYSPGLPPIKPNYDMTLTNACIALSQRWIT
AKEDDLNSFNATDLKDLSSHQLNEFLAQTLQRAPLPLGHIKRMQEVYNFNAINNSEIRFRWLRLCIQSKWEDAIPLALKM
ATEQGRMKFTRPLFKDLAAFDKSHDQAVRTYQEHKASMHPVTAMLVGKDLKVD
;
_entity_poly.pdbx_strand_id   A
#
# COMPACT_ATOMS: atom_id res chain seq x y z
N VAL A 7 -11.33 -15.26 14.27
CA VAL A 7 -12.41 -14.35 13.87
C VAL A 7 -11.99 -13.03 13.16
N ASP A 8 -12.26 -12.95 11.85
CA ASP A 8 -12.00 -11.77 11.03
C ASP A 8 -13.30 -10.94 10.95
N THR A 9 -13.35 -9.85 11.72
CA THR A 9 -14.50 -8.94 11.81
C THR A 9 -14.79 -8.14 10.54
N CYS A 10 -13.85 -8.14 9.57
CA CYS A 10 -14.00 -7.44 8.29
C CYS A 10 -14.64 -8.30 7.20
N SER A 11 -14.71 -9.62 7.41
CA SER A 11 -15.28 -10.55 6.42
C SER A 11 -16.64 -11.10 6.82
N LEU A 12 -17.53 -11.22 5.83
CA LEU A 12 -18.86 -11.79 6.00
C LEU A 12 -18.87 -13.25 5.52
N ALA A 13 -17.74 -13.71 4.93
CA ALA A 13 -17.63 -15.07 4.38
C ALA A 13 -17.48 -16.16 5.46
N SER A 14 -17.71 -17.45 5.11
CA SER A 14 -17.46 -18.56 6.03
C SER A 14 -15.97 -18.47 6.43
N PRO A 15 -15.66 -18.58 7.73
CA PRO A 15 -14.25 -18.51 8.16
C PRO A 15 -13.43 -19.76 7.75
N ALA A 16 -12.09 -19.69 7.92
CA ALA A 16 -11.12 -20.75 7.59
C ALA A 16 -11.39 -22.08 8.33
N SER A 17 -12.06 -22.02 9.51
CA SER A 17 -12.42 -23.19 10.31
C SER A 17 -13.58 -23.98 9.69
N VAL A 18 -14.38 -23.33 8.81
CA VAL A 18 -15.52 -23.96 8.14
C VAL A 18 -15.09 -24.56 6.78
N CYS A 19 -14.48 -23.73 5.93
CA CYS A 19 -13.99 -24.13 4.60
C CYS A 19 -12.86 -23.20 4.18
N ARG A 20 -12.04 -23.67 3.23
CA ARG A 20 -10.89 -22.89 2.73
C ARG A 20 -10.81 -22.97 1.23
N THR A 21 -10.70 -21.80 0.59
CA THR A 21 -10.47 -21.73 -0.84
C THR A 21 -9.02 -22.12 -1.04
N LYS A 22 -8.81 -23.11 -1.91
CA LYS A 22 -7.51 -23.65 -2.26
C LYS A 22 -7.02 -23.06 -3.58
N HIS A 23 -7.94 -22.73 -4.49
CA HIS A 23 -7.56 -22.26 -5.81
C HIS A 23 -8.67 -21.47 -6.49
N LEU A 24 -8.28 -20.51 -7.30
CA LEU A 24 -9.20 -19.71 -8.10
C LEU A 24 -8.81 -19.87 -9.55
N HIS A 25 -9.78 -20.19 -10.39
CA HIS A 25 -9.53 -20.18 -11.81
C HIS A 25 -10.48 -19.10 -12.33
N LEU A 26 -9.89 -17.98 -12.76
CA LEU A 26 -10.62 -16.80 -13.24
C LEU A 26 -10.58 -16.67 -14.75
N ARG A 27 -11.76 -16.51 -15.34
CA ARG A 27 -11.92 -16.30 -16.77
C ARG A 27 -12.76 -15.06 -16.89
N CYS A 28 -12.17 -13.99 -17.40
CA CYS A 28 -12.91 -12.75 -17.50
C CYS A 28 -12.60 -11.94 -18.74
N SER A 29 -13.46 -10.97 -19.00
CA SER A 29 -13.38 -10.04 -20.10
C SER A 29 -13.60 -8.63 -19.53
N VAL A 30 -12.75 -7.71 -19.97
CA VAL A 30 -12.73 -6.30 -19.57
C VAL A 30 -13.51 -5.51 -20.63
N ASP A 31 -14.64 -4.93 -20.23
CA ASP A 31 -15.48 -4.13 -21.13
C ASP A 31 -15.33 -2.64 -20.76
N PHE A 32 -14.52 -1.90 -21.53
CA PHE A 32 -14.32 -0.45 -21.30
C PHE A 32 -15.54 0.40 -21.59
N THR A 33 -16.44 -0.07 -22.48
CA THR A 33 -17.64 0.71 -22.79
C THR A 33 -18.62 0.69 -21.60
N ARG A 34 -18.76 -0.45 -20.94
CA ARG A 34 -19.67 -0.60 -19.81
C ARG A 34 -18.98 -0.39 -18.45
N ARG A 35 -17.63 -0.34 -18.44
CA ARG A 35 -16.80 -0.25 -17.23
C ARG A 35 -17.11 -1.44 -16.30
N THR A 36 -17.15 -2.64 -16.90
CA THR A 36 -17.42 -3.87 -16.17
C THR A 36 -16.41 -4.95 -16.50
N LEU A 37 -16.11 -5.78 -15.51
CA LEU A 37 -15.32 -6.98 -15.63
C LEU A 37 -16.39 -8.09 -15.54
N THR A 38 -16.52 -8.91 -16.58
CA THR A 38 -17.51 -9.99 -16.59
C THR A 38 -16.79 -11.31 -16.75
N GLY A 39 -17.28 -12.33 -16.10
CA GLY A 39 -16.70 -13.66 -16.24
C GLY A 39 -17.13 -14.67 -15.20
N THR A 40 -16.28 -15.69 -15.03
CA THR A 40 -16.49 -16.76 -14.09
C THR A 40 -15.30 -16.90 -13.16
N ALA A 41 -15.59 -17.03 -11.87
CA ALA A 41 -14.61 -17.28 -10.82
C ALA A 41 -14.92 -18.69 -10.36
N ALA A 42 -14.01 -19.64 -10.66
CA ALA A 42 -14.19 -21.03 -10.27
C ALA A 42 -13.32 -21.25 -9.03
N LEU A 43 -13.98 -21.42 -7.87
CA LEU A 43 -13.28 -21.62 -6.61
C LEU A 43 -13.21 -23.09 -6.23
N THR A 44 -12.01 -23.59 -5.93
CA THR A 44 -11.82 -24.95 -5.42
C THR A 44 -11.86 -24.74 -3.90
N VAL A 45 -12.93 -25.21 -3.28
CA VAL A 45 -13.18 -25.03 -1.86
C VAL A 45 -13.01 -26.36 -1.14
N GLN A 46 -12.24 -26.34 -0.06
CA GLN A 46 -12.02 -27.52 0.76
C GLN A 46 -12.78 -27.34 2.06
N SER A 47 -13.66 -28.29 2.39
CA SER A 47 -14.43 -28.28 3.64
C SER A 47 -13.48 -28.57 4.80
N GLN A 48 -13.69 -27.88 5.92
CA GLN A 48 -12.90 -28.11 7.14
C GLN A 48 -13.82 -28.72 8.20
N GLU A 49 -15.04 -29.10 7.80
CA GLU A 49 -16.07 -29.60 8.70
C GLU A 49 -16.81 -30.78 8.15
N ASP A 50 -17.38 -31.58 9.05
CA ASP A 50 -18.22 -32.68 8.64
C ASP A 50 -19.60 -32.13 8.21
N ASN A 51 -20.28 -32.82 7.27
CA ASN A 51 -21.63 -32.49 6.82
C ASN A 51 -21.82 -31.02 6.40
N LEU A 52 -20.89 -30.49 5.62
CA LEU A 52 -20.97 -29.10 5.17
C LEU A 52 -21.96 -29.02 4.02
N ARG A 53 -23.05 -28.24 4.22
CA ARG A 53 -24.12 -28.11 3.22
C ARG A 53 -24.27 -26.74 2.57
N SER A 54 -23.64 -25.73 3.15
CA SER A 54 -23.69 -24.39 2.61
C SER A 54 -22.43 -23.62 2.98
N LEU A 55 -22.16 -22.55 2.27
CA LEU A 55 -21.04 -21.68 2.60
C LEU A 55 -21.33 -20.25 2.18
N VAL A 56 -20.63 -19.33 2.79
CA VAL A 56 -20.84 -17.92 2.53
C VAL A 56 -19.56 -17.28 1.97
N LEU A 57 -19.76 -16.41 0.98
CA LEU A 57 -18.69 -15.68 0.34
C LEU A 57 -18.96 -14.18 0.47
N ASP A 58 -17.90 -13.39 0.43
CA ASP A 58 -17.97 -11.93 0.42
C ASP A 58 -18.19 -11.45 -1.01
N THR A 59 -18.98 -10.39 -1.15
CA THR A 59 -19.18 -9.72 -2.43
C THR A 59 -19.44 -8.24 -2.10
N LYS A 60 -19.19 -7.35 -3.06
CA LYS A 60 -19.52 -5.93 -2.89
C LYS A 60 -19.88 -5.37 -4.23
N ASP A 61 -21.17 -4.98 -4.40
CA ASP A 61 -21.68 -4.41 -5.65
C ASP A 61 -21.45 -5.33 -6.85
N LEU A 62 -21.56 -6.65 -6.65
CA LEU A 62 -21.43 -7.61 -7.74
C LEU A 62 -22.79 -8.05 -8.20
N THR A 63 -22.91 -8.30 -9.49
CA THR A 63 -24.12 -8.86 -10.08
C THR A 63 -23.82 -10.35 -10.25
N ILE A 64 -24.63 -11.23 -9.68
CA ILE A 64 -24.44 -12.66 -9.84
C ILE A 64 -25.44 -13.14 -10.87
N GLU A 65 -24.95 -13.81 -11.92
CA GLU A 65 -25.81 -14.36 -12.98
C GLU A 65 -26.27 -15.79 -12.60
N LYS A 66 -25.32 -16.61 -12.10
CA LYS A 66 -25.59 -18.01 -11.72
C LYS A 66 -24.42 -18.60 -10.95
N VAL A 67 -24.69 -19.72 -10.29
CA VAL A 67 -23.71 -20.51 -9.53
C VAL A 67 -23.83 -21.94 -10.02
N VAL A 68 -22.72 -22.49 -10.53
CA VAL A 68 -22.72 -23.85 -11.06
C VAL A 68 -21.77 -24.77 -10.27
N ILE A 69 -22.31 -25.91 -9.80
CA ILE A 69 -21.55 -26.97 -9.12
C ILE A 69 -21.93 -28.29 -9.83
N ASN A 70 -20.92 -29.11 -10.22
CA ASN A 70 -21.08 -30.41 -10.90
C ASN A 70 -21.91 -30.28 -12.20
N GLY A 71 -21.75 -29.16 -12.89
CA GLY A 71 -22.44 -28.88 -14.15
C GLY A 71 -23.90 -28.45 -14.02
N GLN A 72 -24.38 -28.25 -12.79
CA GLN A 72 -25.77 -27.86 -12.55
C GLN A 72 -25.86 -26.55 -11.77
N GLU A 73 -26.88 -25.75 -12.07
CA GLU A 73 -27.09 -24.48 -11.37
C GLU A 73 -27.63 -24.77 -9.97
N VAL A 74 -27.08 -24.06 -8.96
CA VAL A 74 -27.45 -24.26 -7.55
C VAL A 74 -28.09 -23.00 -6.98
N LYS A 75 -28.80 -23.16 -5.85
CA LYS A 75 -29.44 -22.06 -5.13
C LYS A 75 -28.40 -21.23 -4.38
N TYR A 76 -28.56 -19.92 -4.44
CA TYR A 76 -27.72 -18.97 -3.75
C TYR A 76 -28.62 -17.80 -3.32
N ALA A 77 -28.16 -17.00 -2.36
CA ALA A 77 -28.90 -15.83 -1.89
C ALA A 77 -27.95 -14.76 -1.43
N LEU A 78 -28.19 -13.53 -1.86
CA LEU A 78 -27.42 -12.37 -1.46
C LEU A 78 -28.12 -11.70 -0.29
N GLY A 79 -27.42 -11.59 0.83
CA GLY A 79 -27.94 -10.94 2.03
C GLY A 79 -27.99 -9.43 1.85
N GLU A 80 -28.60 -8.73 2.83
CA GLU A 80 -28.69 -7.27 2.83
C GLU A 80 -27.26 -6.68 2.91
N ARG A 81 -27.01 -5.57 2.20
CA ARG A 81 -25.69 -4.94 2.23
C ARG A 81 -25.36 -4.47 3.66
N GLN A 82 -24.11 -4.69 4.09
CA GLN A 82 -23.60 -4.28 5.41
C GLN A 82 -22.54 -3.20 5.22
N SER A 83 -22.96 -2.06 4.65
CA SER A 83 -22.11 -0.89 4.41
C SER A 83 -20.84 -1.25 3.59
N TYR A 84 -19.64 -0.85 4.07
CA TYR A 84 -18.35 -1.08 3.44
C TYR A 84 -18.00 -2.58 3.28
N LYS A 85 -18.59 -3.47 4.10
CA LYS A 85 -18.33 -4.92 4.04
C LYS A 85 -18.96 -5.61 2.83
N GLY A 86 -19.95 -4.96 2.23
CA GLY A 86 -20.70 -5.52 1.12
C GLY A 86 -21.84 -6.41 1.56
N SER A 87 -22.21 -7.35 0.68
CA SER A 87 -23.31 -8.28 0.83
C SER A 87 -22.82 -9.71 0.91
N PRO A 88 -23.29 -10.50 1.92
CA PRO A 88 -22.87 -11.91 1.99
C PRO A 88 -23.59 -12.73 0.93
N MET A 89 -22.92 -13.75 0.42
CA MET A 89 -23.47 -14.61 -0.62
C MET A 89 -23.46 -16.05 -0.12
N GLU A 90 -24.66 -16.55 0.23
CA GLU A 90 -24.81 -17.90 0.73
C GLU A 90 -25.11 -18.84 -0.42
N ILE A 91 -24.30 -19.88 -0.54
CA ILE A 91 -24.44 -20.87 -1.62
C ILE A 91 -24.90 -22.19 -1.01
N SER A 92 -25.98 -22.78 -1.56
CA SER A 92 -26.48 -24.07 -1.09
C SER A 92 -25.76 -25.16 -1.86
N LEU A 93 -24.99 -26.00 -1.16
CA LEU A 93 -24.23 -27.06 -1.82
C LEU A 93 -25.18 -28.20 -2.24
N PRO A 94 -25.00 -28.80 -3.44
CA PRO A 94 -25.92 -29.86 -3.87
C PRO A 94 -25.75 -31.13 -3.03
N ILE A 95 -24.50 -31.45 -2.62
CA ILE A 95 -24.21 -32.63 -1.81
C ILE A 95 -23.45 -32.19 -0.56
N ALA A 96 -23.76 -32.80 0.59
CA ALA A 96 -23.09 -32.55 1.86
C ALA A 96 -21.62 -33.02 1.73
N LEU A 97 -20.68 -32.20 2.20
CA LEU A 97 -19.25 -32.50 2.13
C LEU A 97 -18.71 -32.99 3.46
N SER A 98 -17.80 -33.95 3.40
CA SER A 98 -17.13 -34.43 4.60
C SER A 98 -15.88 -33.59 4.78
N LYS A 99 -15.21 -33.72 5.92
CA LYS A 99 -14.00 -32.98 6.21
C LYS A 99 -12.88 -33.32 5.19
N ASN A 100 -12.23 -32.29 4.66
CA ASN A 100 -11.13 -32.34 3.66
C ASN A 100 -11.57 -32.59 2.23
N GLN A 101 -12.88 -32.81 2.02
CA GLN A 101 -13.42 -33.01 0.69
C GLN A 101 -13.43 -31.68 -0.06
N GLU A 102 -13.04 -31.72 -1.34
CA GLU A 102 -12.97 -30.53 -2.18
C GLU A 102 -14.01 -30.55 -3.26
N ILE A 103 -14.49 -29.36 -3.64
CA ILE A 103 -15.47 -29.17 -4.72
C ILE A 103 -15.11 -27.89 -5.48
N VAL A 104 -15.56 -27.80 -6.72
CA VAL A 104 -15.35 -26.62 -7.56
C VAL A 104 -16.68 -25.88 -7.69
N ILE A 105 -16.67 -24.59 -7.34
CA ILE A 105 -17.85 -23.75 -7.43
C ILE A 105 -17.55 -22.66 -8.46
N GLU A 106 -18.25 -22.68 -9.60
CA GLU A 106 -18.08 -21.70 -10.66
C GLU A 106 -19.18 -20.63 -10.57
N ILE A 107 -18.78 -19.38 -10.29
CA ILE A 107 -19.70 -18.26 -10.17
C ILE A 107 -19.55 -17.33 -11.36
N SER A 108 -20.66 -17.07 -12.06
CA SER A 108 -20.75 -16.13 -13.17
C SER A 108 -21.16 -14.81 -12.57
N PHE A 109 -20.29 -13.80 -12.75
CA PHE A 109 -20.46 -12.49 -12.16
C PHE A 109 -20.13 -11.36 -13.14
N GLU A 110 -20.43 -10.15 -12.68
CA GLU A 110 -20.17 -8.90 -13.33
C GLU A 110 -19.93 -7.84 -12.24
N THR A 111 -18.88 -7.02 -12.40
CA THR A 111 -18.60 -5.96 -11.46
C THR A 111 -19.45 -4.74 -11.78
N SER A 112 -19.54 -3.82 -10.81
CA SER A 112 -20.22 -2.54 -10.99
C SER A 112 -19.18 -1.54 -11.51
N PRO A 113 -19.56 -0.55 -12.36
CA PRO A 113 -18.61 0.51 -12.74
C PRO A 113 -18.04 1.25 -11.53
N LYS A 114 -18.79 1.25 -10.42
CA LYS A 114 -18.39 1.91 -9.15
C LYS A 114 -17.63 0.99 -8.19
N SER A 115 -17.14 -0.18 -8.68
CA SER A 115 -16.37 -1.12 -7.86
C SER A 115 -15.29 -0.37 -7.11
N SER A 116 -15.29 -0.50 -5.78
CA SER A 116 -14.30 0.20 -4.93
C SER A 116 -12.87 -0.34 -5.13
N ALA A 117 -12.74 -1.47 -5.81
CA ALA A 117 -11.47 -2.10 -6.11
C ALA A 117 -10.82 -1.53 -7.36
N LEU A 118 -11.61 -0.92 -8.24
CA LEU A 118 -11.16 -0.49 -9.56
C LEU A 118 -11.21 0.96 -9.85
N GLN A 119 -10.29 1.40 -10.73
CA GLN A 119 -10.38 2.73 -11.33
C GLN A 119 -10.36 2.55 -12.84
N TRP A 120 -11.40 3.07 -13.53
CA TRP A 120 -11.53 3.07 -14.99
C TRP A 120 -11.11 4.48 -15.49
N LEU A 121 -10.05 4.56 -16.32
CA LEU A 121 -9.57 5.84 -16.84
C LEU A 121 -9.92 5.98 -18.29
N THR A 122 -10.36 7.19 -18.66
CA THR A 122 -10.67 7.52 -20.05
C THR A 122 -9.30 7.78 -20.74
N PRO A 123 -9.21 7.78 -22.10
CA PRO A 123 -7.93 8.11 -22.76
C PRO A 123 -7.31 9.46 -22.32
N GLU A 124 -8.15 10.49 -22.07
CA GLU A 124 -7.72 11.82 -21.61
C GLU A 124 -6.97 11.78 -20.26
N GLN A 125 -7.32 10.78 -19.40
CA GLN A 125 -6.71 10.56 -18.09
C GLN A 125 -5.40 9.75 -18.14
N THR A 126 -4.93 9.37 -19.34
CA THR A 126 -3.69 8.56 -19.51
C THR A 126 -2.54 9.40 -20.10
N SER A 127 -1.30 8.84 -20.18
CA SER A 127 -0.18 9.55 -20.81
C SER A 127 -0.34 9.67 -22.33
N GLY A 128 -0.76 8.58 -22.97
CA GLY A 128 -0.87 8.46 -24.43
C GLY A 128 -2.04 9.14 -25.09
N LYS A 129 -3.16 9.34 -24.35
CA LYS A 129 -4.40 10.02 -24.80
C LYS A 129 -5.18 9.28 -25.88
N GLU A 130 -4.76 8.05 -26.23
CA GLU A 130 -5.44 7.30 -27.31
C GLU A 130 -6.21 6.08 -26.82
N HIS A 131 -5.81 5.56 -25.65
CA HIS A 131 -6.40 4.34 -25.10
C HIS A 131 -6.89 4.50 -23.65
N PRO A 132 -7.95 3.74 -23.26
CA PRO A 132 -8.39 3.77 -21.85
C PRO A 132 -7.44 2.90 -21.01
N TYR A 133 -7.63 2.91 -19.69
CA TYR A 133 -6.80 2.18 -18.74
C TYR A 133 -7.63 1.68 -17.55
N LEU A 134 -7.26 0.55 -16.97
CA LEU A 134 -7.92 0.00 -15.79
C LEU A 134 -6.86 -0.53 -14.87
N PHE A 135 -7.01 -0.27 -13.56
CA PHE A 135 -6.15 -0.89 -12.55
C PHE A 135 -6.95 -1.25 -11.31
N SER A 136 -6.51 -2.29 -10.60
CA SER A 136 -7.16 -2.72 -9.36
C SER A 136 -6.26 -2.38 -8.16
N GLN A 137 -6.86 -2.39 -6.95
CA GLN A 137 -6.22 -2.16 -5.66
C GLN A 137 -7.13 -2.86 -4.62
N CYS A 138 -6.79 -4.11 -4.32
CA CYS A 138 -7.57 -4.97 -3.45
C CYS A 138 -7.37 -4.80 -1.96
N GLN A 139 -6.16 -4.35 -1.53
CA GLN A 139 -5.87 -4.16 -0.12
C GLN A 139 -6.73 -3.01 0.48
N ALA A 140 -7.41 -3.23 1.61
CA ALA A 140 -7.47 -4.44 2.43
C ALA A 140 -8.57 -5.39 2.00
N ILE A 141 -9.78 -4.85 1.79
CA ILE A 141 -10.98 -5.66 1.54
C ILE A 141 -11.74 -5.32 0.24
N HIS A 142 -11.01 -5.00 -0.81
CA HIS A 142 -11.66 -4.69 -2.07
C HIS A 142 -11.72 -5.86 -3.06
N CYS A 143 -11.06 -7.02 -2.79
CA CYS A 143 -11.18 -8.17 -3.69
C CYS A 143 -12.64 -8.60 -3.85
N ARG A 144 -13.47 -8.46 -2.77
CA ARG A 144 -14.90 -8.76 -2.82
C ARG A 144 -15.65 -7.84 -3.82
N ALA A 145 -15.08 -6.68 -4.17
CA ALA A 145 -15.68 -5.79 -5.16
C ALA A 145 -15.28 -6.17 -6.63
N ILE A 146 -14.42 -7.21 -6.80
CA ILE A 146 -14.01 -7.74 -8.11
C ILE A 146 -14.67 -9.09 -8.35
N LEU A 147 -14.55 -10.00 -7.37
CA LEU A 147 -15.10 -11.35 -7.51
C LEU A 147 -15.60 -11.93 -6.16
N PRO A 148 -16.54 -12.91 -6.18
CA PRO A 148 -16.96 -13.53 -4.90
C PRO A 148 -15.83 -14.35 -4.34
N CYS A 149 -15.52 -14.14 -3.06
CA CYS A 149 -14.39 -14.84 -2.42
C CYS A 149 -14.52 -14.82 -0.93
N GLN A 150 -13.64 -15.58 -0.22
CA GLN A 150 -13.53 -15.49 1.22
C GLN A 150 -12.50 -14.38 1.36
N ASP A 151 -13.00 -13.14 1.47
CA ASP A 151 -12.14 -11.93 1.47
C ASP A 151 -11.50 -11.66 2.83
N THR A 152 -10.53 -12.50 3.16
CA THR A 152 -9.81 -12.52 4.42
C THR A 152 -8.39 -13.00 4.20
N PRO A 153 -7.41 -12.35 4.88
CA PRO A 153 -6.02 -12.78 4.69
C PRO A 153 -5.70 -14.06 5.43
N SER A 154 -6.68 -14.62 6.17
CA SER A 154 -6.54 -15.88 6.93
C SER A 154 -6.63 -17.08 5.95
N VAL A 155 -7.04 -16.84 4.69
CA VAL A 155 -7.17 -17.87 3.65
C VAL A 155 -6.18 -17.57 2.52
N LYS A 156 -5.36 -18.57 2.17
CA LYS A 156 -4.38 -18.47 1.09
C LYS A 156 -4.70 -19.48 -0.01
N LEU A 157 -4.63 -19.02 -1.26
CA LEU A 157 -4.97 -19.78 -2.47
C LEU A 157 -4.03 -19.47 -3.63
N THR A 158 -3.92 -20.42 -4.55
CA THR A 158 -3.17 -20.26 -5.79
C THR A 158 -4.21 -19.80 -6.81
N TYR A 159 -3.77 -19.20 -7.91
CA TYR A 159 -4.72 -18.84 -8.96
C TYR A 159 -4.21 -18.98 -10.36
N THR A 160 -5.16 -19.15 -11.29
CA THR A 160 -4.89 -19.16 -12.72
C THR A 160 -5.91 -18.21 -13.30
N ALA A 161 -5.54 -17.46 -14.31
CA ALA A 161 -6.46 -16.50 -14.93
C ALA A 161 -6.22 -16.32 -16.42
N GLU A 162 -7.31 -16.12 -17.16
CA GLU A 162 -7.34 -15.82 -18.58
C GLU A 162 -8.20 -14.57 -18.71
N VAL A 163 -7.62 -13.49 -19.21
CA VAL A 163 -8.28 -12.19 -19.30
C VAL A 163 -8.39 -11.75 -20.77
N SER A 164 -9.62 -11.53 -21.24
CA SER A 164 -9.90 -11.04 -22.59
C SER A 164 -9.99 -9.52 -22.56
N VAL A 165 -9.20 -8.88 -23.44
CA VAL A 165 -9.11 -7.42 -23.50
C VAL A 165 -9.11 -6.94 -24.95
N PRO A 166 -9.43 -5.67 -25.27
CA PRO A 166 -9.25 -5.21 -26.66
C PRO A 166 -7.79 -5.46 -27.08
N LYS A 167 -7.59 -5.98 -28.31
CA LYS A 167 -6.29 -6.41 -28.86
C LYS A 167 -5.14 -5.41 -28.79
N GLU A 168 -5.45 -4.12 -28.89
CA GLU A 168 -4.43 -3.07 -28.86
C GLU A 168 -3.94 -2.79 -27.43
N LEU A 169 -4.54 -3.46 -26.44
CA LEU A 169 -4.18 -3.31 -25.03
C LEU A 169 -3.48 -4.53 -24.46
N VAL A 170 -2.83 -4.35 -23.30
CA VAL A 170 -2.09 -5.39 -22.58
C VAL A 170 -2.69 -5.58 -21.19
N ALA A 171 -2.88 -6.83 -20.78
CA ALA A 171 -3.31 -7.17 -19.44
C ALA A 171 -2.09 -7.74 -18.69
N LEU A 172 -1.94 -7.35 -17.42
CA LEU A 172 -0.95 -7.86 -16.47
C LEU A 172 -1.66 -8.19 -15.16
N MET A 173 -1.11 -9.16 -14.42
CA MET A 173 -1.63 -9.60 -13.12
C MET A 173 -0.49 -9.88 -12.13
N SER A 174 -0.87 -10.10 -10.87
CA SER A 174 0.04 -10.45 -9.75
C SER A 174 0.37 -11.96 -9.86
N ALA A 175 1.00 -12.31 -10.97
CA ALA A 175 1.25 -13.69 -11.37
C ALA A 175 2.31 -13.74 -12.51
N ILE A 176 2.71 -14.97 -12.87
CA ILE A 176 3.65 -15.19 -13.96
C ILE A 176 2.86 -15.17 -15.26
N ARG A 177 3.34 -14.39 -16.24
CA ARG A 177 2.74 -14.31 -17.59
C ARG A 177 2.86 -15.66 -18.24
N ASP A 178 1.75 -16.17 -18.77
CA ASP A 178 1.71 -17.50 -19.35
C ASP A 178 1.26 -17.49 -20.82
N GLY A 179 1.57 -16.41 -21.52
CA GLY A 179 1.24 -16.33 -22.93
C GLY A 179 0.03 -15.49 -23.25
N GLU A 180 -0.14 -15.24 -24.55
CA GLU A 180 -1.22 -14.47 -25.14
C GLU A 180 -1.61 -15.10 -26.46
N THR A 181 -2.89 -14.98 -26.83
CA THR A 181 -3.41 -15.48 -28.10
C THR A 181 -4.51 -14.55 -28.57
N PRO A 182 -4.94 -14.60 -29.87
CA PRO A 182 -6.13 -13.83 -30.25
C PRO A 182 -7.30 -14.48 -29.51
N ASP A 183 -8.35 -13.72 -29.20
CA ASP A 183 -9.48 -14.31 -28.49
C ASP A 183 -10.20 -15.21 -29.53
N PRO A 184 -10.32 -16.55 -29.28
CA PRO A 184 -10.99 -17.42 -30.27
C PRO A 184 -12.48 -17.10 -30.47
N GLU A 185 -13.10 -16.37 -29.53
CA GLU A 185 -14.50 -15.99 -29.62
C GLU A 185 -14.67 -14.60 -30.23
N ASP A 186 -13.59 -13.79 -30.29
CA ASP A 186 -13.63 -12.43 -30.83
C ASP A 186 -12.26 -11.96 -31.38
N PRO A 187 -12.11 -11.84 -32.73
CA PRO A 187 -10.82 -11.39 -33.30
C PRO A 187 -10.39 -9.95 -33.00
N SER A 188 -11.28 -9.13 -32.43
CA SER A 188 -10.98 -7.75 -32.03
C SER A 188 -10.29 -7.74 -30.64
N ARG A 189 -10.22 -8.93 -29.99
CA ARG A 189 -9.69 -9.10 -28.65
C ARG A 189 -8.54 -10.11 -28.53
N LYS A 190 -7.76 -9.96 -27.45
CA LYS A 190 -6.67 -10.86 -27.09
C LYS A 190 -7.00 -11.44 -25.72
N ILE A 191 -6.50 -12.64 -25.48
CA ILE A 191 -6.57 -13.31 -24.21
C ILE A 191 -5.13 -13.38 -23.66
N TYR A 192 -4.93 -12.87 -22.42
CA TYR A 192 -3.66 -12.93 -21.70
C TYR A 192 -3.84 -13.93 -20.55
N LYS A 193 -2.92 -14.88 -20.45
CA LYS A 193 -2.94 -15.95 -19.45
C LYS A 193 -1.94 -15.73 -18.34
N PHE A 194 -2.31 -16.17 -17.13
CA PHE A 194 -1.54 -15.97 -15.90
C PHE A 194 -1.58 -17.15 -15.00
N ILE A 195 -0.45 -17.37 -14.29
CA ILE A 195 -0.35 -18.43 -13.31
C ILE A 195 0.33 -17.92 -12.04
N GLN A 196 -0.35 -18.11 -10.89
CA GLN A 196 0.21 -17.81 -9.59
C GLN A 196 0.23 -19.15 -8.83
N LYS A 197 1.39 -19.80 -8.83
CA LYS A 197 1.57 -21.12 -8.21
C LYS A 197 1.85 -21.06 -6.70
N VAL A 198 2.15 -19.87 -6.17
CA VAL A 198 2.45 -19.70 -4.74
C VAL A 198 1.15 -19.25 -4.05
N PRO A 199 0.72 -19.96 -2.97
CA PRO A 199 -0.53 -19.56 -2.27
C PRO A 199 -0.43 -18.16 -1.67
N ILE A 200 -1.44 -17.33 -1.97
CA ILE A 200 -1.54 -15.94 -1.52
C ILE A 200 -2.91 -15.63 -0.89
N PRO A 201 -2.95 -14.63 0.03
CA PRO A 201 -4.26 -14.12 0.46
C PRO A 201 -4.86 -13.36 -0.75
N CYS A 202 -6.20 -13.34 -0.89
CA CYS A 202 -6.85 -12.72 -2.02
C CYS A 202 -6.61 -11.18 -2.17
N TYR A 203 -6.19 -10.45 -1.10
CA TYR A 203 -5.95 -8.99 -1.25
C TYR A 203 -4.76 -8.71 -2.20
N LEU A 204 -3.97 -9.77 -2.51
CA LEU A 204 -2.80 -9.68 -3.37
C LEU A 204 -3.12 -9.96 -4.86
N ILE A 205 -4.41 -10.25 -5.16
CA ILE A 205 -4.89 -10.46 -6.52
C ILE A 205 -4.90 -9.05 -7.15
N ALA A 206 -4.31 -8.91 -8.34
CA ALA A 206 -4.24 -7.61 -9.02
C ALA A 206 -4.34 -7.72 -10.51
N LEU A 207 -4.94 -6.70 -11.14
CA LEU A 207 -5.14 -6.61 -12.57
C LEU A 207 -4.94 -5.17 -13.05
N VAL A 208 -4.22 -5.04 -14.17
CA VAL A 208 -4.04 -3.79 -14.90
C VAL A 208 -4.30 -4.08 -16.38
N VAL A 209 -4.99 -3.15 -17.07
CA VAL A 209 -5.22 -3.24 -18.50
C VAL A 209 -4.99 -1.85 -19.09
N GLY A 210 -4.11 -1.75 -20.08
CA GLY A 210 -3.79 -0.48 -20.73
C GLY A 210 -2.79 -0.63 -21.86
N ALA A 211 -2.34 0.52 -22.44
CA ALA A 211 -1.35 0.54 -23.52
C ALA A 211 0.01 0.53 -22.86
N LEU A 212 0.41 -0.67 -22.44
CA LEU A 212 1.64 -0.87 -21.68
C LEU A 212 2.79 -1.36 -22.54
N GLU A 213 3.97 -0.85 -22.22
CA GLU A 213 5.25 -1.19 -22.84
C GLU A 213 6.18 -1.64 -21.71
N SER A 214 7.22 -2.42 -22.04
CA SER A 214 8.15 -2.93 -21.04
C SER A 214 9.61 -2.74 -21.42
N ARG A 215 10.47 -2.66 -20.41
CA ARG A 215 11.88 -2.61 -20.58
C ARG A 215 12.55 -3.43 -19.48
N GLN A 216 13.49 -4.28 -19.88
CA GLN A 216 14.26 -5.08 -18.94
C GLN A 216 15.25 -4.20 -18.17
N ILE A 217 15.30 -4.36 -16.83
CA ILE A 217 16.23 -3.56 -15.99
C ILE A 217 17.09 -4.45 -15.08
N GLY A 218 16.85 -5.73 -15.12
CA GLY A 218 17.62 -6.68 -14.32
C GLY A 218 17.37 -8.10 -14.80
N PRO A 219 18.06 -9.10 -14.22
CA PRO A 219 17.84 -10.50 -14.67
C PRO A 219 16.43 -11.06 -14.44
N ARG A 220 15.68 -10.53 -13.46
CA ARG A 220 14.32 -11.03 -13.20
C ARG A 220 13.34 -9.88 -13.11
N THR A 221 13.68 -8.75 -13.74
CA THR A 221 12.85 -7.56 -13.67
C THR A 221 12.61 -6.83 -14.96
N LEU A 222 11.33 -6.62 -15.25
CA LEU A 222 10.83 -5.73 -16.30
C LEU A 222 10.16 -4.56 -15.62
N VAL A 223 10.36 -3.37 -16.18
CA VAL A 223 9.60 -2.22 -15.73
C VAL A 223 8.50 -2.03 -16.81
N TRP A 224 7.25 -1.83 -16.38
CA TRP A 224 6.09 -1.65 -17.26
C TRP A 224 5.45 -0.29 -16.99
N SER A 225 5.02 0.42 -18.07
CA SER A 225 4.34 1.71 -17.99
CA SER A 225 4.31 1.71 -17.99
C SER A 225 3.87 2.09 -19.38
N GLU A 226 3.21 3.24 -19.51
CA GLU A 226 2.84 3.72 -20.82
C GLU A 226 4.20 4.14 -21.43
N LYS A 227 4.31 4.13 -22.77
CA LYS A 227 5.55 4.43 -23.52
C LYS A 227 6.33 5.66 -22.99
N GLU A 228 5.59 6.75 -22.67
CA GLU A 228 6.10 8.05 -22.20
C GLU A 228 6.93 7.97 -20.92
N GLN A 229 6.67 6.98 -20.06
CA GLN A 229 7.34 6.85 -18.77
C GLN A 229 8.40 5.74 -18.71
N VAL A 230 8.49 4.87 -19.74
CA VAL A 230 9.43 3.75 -19.76
C VAL A 230 10.90 4.13 -19.44
N GLU A 231 11.48 5.04 -20.23
CA GLU A 231 12.87 5.46 -20.06
C GLU A 231 13.18 5.98 -18.65
N LYS A 232 12.34 6.91 -18.15
CA LYS A 232 12.50 7.50 -16.82
C LYS A 232 12.37 6.44 -15.70
N SER A 233 11.41 5.52 -15.85
CA SER A 233 11.17 4.41 -14.92
C SER A 233 12.34 3.42 -14.85
N ALA A 234 12.92 3.08 -16.02
CA ALA A 234 14.07 2.16 -16.13
C ALA A 234 15.24 2.70 -15.32
N TYR A 235 15.52 4.00 -15.44
CA TYR A 235 16.61 4.66 -14.71
C TYR A 235 16.24 4.77 -13.24
N GLU A 236 15.05 5.31 -12.94
CA GLU A 236 14.62 5.53 -11.54
C GLU A 236 14.73 4.27 -10.70
N PHE A 237 14.38 3.13 -11.30
CA PHE A 237 14.38 1.87 -10.55
C PHE A 237 15.51 0.91 -10.85
N SER A 238 16.65 1.42 -11.28
CA SER A 238 17.81 0.58 -11.64
C SER A 238 18.49 -0.19 -10.49
N GLU A 239 18.26 0.23 -9.23
CA GLU A 239 18.83 -0.41 -8.02
C GLU A 239 18.01 -1.66 -7.61
N THR A 240 16.87 -1.92 -8.28
CA THR A 240 15.96 -3.06 -7.96
C THR A 240 16.69 -4.39 -7.78
N GLU A 241 17.53 -4.81 -8.76
CA GLU A 241 18.23 -6.08 -8.63
C GLU A 241 19.16 -6.15 -7.41
N SER A 242 19.95 -5.07 -7.17
CA SER A 242 20.84 -5.05 -6.00
CA SER A 242 20.84 -5.02 -6.01
C SER A 242 20.01 -5.13 -4.72
N MET A 243 18.81 -4.53 -4.72
CA MET A 243 17.92 -4.59 -3.53
C MET A 243 17.36 -6.01 -3.34
N LEU A 244 16.97 -6.67 -4.45
CA LEU A 244 16.46 -8.06 -4.37
C LEU A 244 17.54 -8.99 -3.80
N LYS A 245 18.80 -8.80 -4.23
CA LYS A 245 19.93 -9.61 -3.73
C LYS A 245 20.13 -9.41 -2.22
N ILE A 246 20.08 -8.15 -1.73
CA ILE A 246 20.21 -7.87 -0.29
C ILE A 246 19.01 -8.49 0.47
N ALA A 247 17.77 -8.25 -0.01
CA ALA A 247 16.56 -8.82 0.59
C ALA A 247 16.63 -10.37 0.71
N GLU A 248 17.14 -11.08 -0.35
CA GLU A 248 17.31 -12.55 -0.34
C GLU A 248 18.31 -12.96 0.74
N ASP A 249 19.37 -12.17 0.91
CA ASP A 249 20.34 -12.45 1.95
C ASP A 249 19.71 -12.28 3.35
N LEU A 250 18.81 -11.30 3.54
CA LEU A 250 18.15 -11.05 4.83
C LEU A 250 16.95 -11.97 5.11
N GLY A 251 16.15 -12.27 4.10
CA GLY A 251 14.94 -13.04 4.31
C GLY A 251 14.92 -14.46 3.83
N GLY A 252 15.93 -14.86 3.07
CA GLY A 252 15.99 -16.20 2.49
C GLY A 252 15.56 -16.17 1.03
N PRO A 253 15.40 -17.34 0.38
CA PRO A 253 15.05 -17.33 -1.05
C PRO A 253 13.84 -16.51 -1.50
N TYR A 254 13.99 -15.86 -2.64
CA TYR A 254 12.91 -15.14 -3.31
C TYR A 254 12.14 -16.28 -4.04
N VAL A 255 10.90 -16.56 -3.63
CA VAL A 255 10.15 -17.71 -4.17
C VAL A 255 9.21 -17.39 -5.33
N TRP A 256 9.10 -16.11 -5.69
CA TRP A 256 8.10 -15.64 -6.63
C TRP A 256 8.42 -15.69 -8.13
N GLY A 257 9.64 -16.09 -8.48
CA GLY A 257 10.13 -16.16 -9.86
C GLY A 257 10.60 -14.79 -10.31
N GLN A 258 9.67 -14.02 -10.83
CA GLN A 258 9.89 -12.68 -11.37
C GLN A 258 9.61 -11.60 -10.31
N TYR A 259 10.28 -10.45 -10.46
CA TYR A 259 10.00 -9.25 -9.70
C TYR A 259 9.86 -8.12 -10.70
N ASP A 260 8.65 -7.91 -11.20
CA ASP A 260 8.42 -6.83 -12.15
C ASP A 260 7.85 -5.62 -11.41
N LEU A 261 7.93 -4.45 -12.06
CA LEU A 261 7.40 -3.20 -11.55
C LEU A 261 6.49 -2.62 -12.59
N LEU A 262 5.37 -2.08 -12.13
CA LEU A 262 4.39 -1.38 -12.95
C LEU A 262 4.26 0.04 -12.41
N VAL A 263 4.49 1.03 -13.28
CA VAL A 263 4.39 2.43 -12.90
C VAL A 263 3.01 2.86 -13.39
N LEU A 264 2.09 3.03 -12.44
CA LEU A 264 0.68 3.34 -12.70
C LEU A 264 0.47 4.81 -13.11
N PRO A 265 -0.75 5.16 -13.58
CA PRO A 265 -1.04 6.58 -13.82
C PRO A 265 -1.08 7.34 -12.47
N PRO A 266 -1.06 8.70 -12.48
CA PRO A 266 -0.92 9.46 -11.21
C PRO A 266 -1.96 9.29 -10.13
N SER A 267 -3.16 8.77 -10.48
CA SER A 267 -4.23 8.57 -9.49
C SER A 267 -4.03 7.36 -8.63
N PHE A 268 -2.97 6.57 -8.86
CA PHE A 268 -2.71 5.41 -8.01
C PHE A 268 -2.68 5.88 -6.51
N PRO A 269 -3.56 5.34 -5.62
CA PRO A 269 -3.69 5.90 -4.26
C PRO A 269 -2.54 5.72 -3.27
N TYR A 270 -1.67 4.74 -3.49
CA TYR A 270 -0.56 4.46 -2.59
C TYR A 270 0.81 4.64 -3.27
N GLY A 271 1.87 4.66 -2.46
CA GLY A 271 3.25 4.78 -2.95
C GLY A 271 3.63 3.53 -3.71
N GLY A 272 3.26 2.40 -3.13
CA GLY A 272 3.48 1.09 -3.72
C GLY A 272 2.48 0.06 -3.21
N MET A 273 2.31 -1.02 -3.96
CA MET A 273 1.48 -2.17 -3.59
C MET A 273 2.27 -3.41 -3.99
N GLU A 274 2.55 -4.25 -3.00
CA GLU A 274 3.38 -5.45 -3.10
C GLU A 274 2.71 -6.63 -3.80
N ASN A 275 2.04 -6.36 -4.93
CA ASN A 275 1.39 -7.44 -5.67
C ASN A 275 2.44 -8.44 -6.14
N PRO A 276 2.29 -9.73 -5.77
CA PRO A 276 3.35 -10.70 -6.08
C PRO A 276 3.64 -10.80 -7.57
N CYS A 277 4.95 -10.82 -7.94
CA CYS A 277 5.48 -10.88 -9.31
C CYS A 277 5.40 -9.53 -10.02
N LEU A 278 4.57 -8.60 -9.50
CA LEU A 278 4.32 -7.30 -10.14
C LEU A 278 3.98 -6.18 -9.16
N THR A 279 5.01 -5.58 -8.57
CA THR A 279 4.79 -4.47 -7.65
C THR A 279 4.21 -3.29 -8.44
N PHE A 280 3.19 -2.63 -7.89
CA PHE A 280 2.56 -1.43 -8.46
C PHE A 280 3.20 -0.23 -7.76
N VAL A 281 3.59 0.81 -8.50
CA VAL A 281 4.20 2.00 -7.92
C VAL A 281 3.57 3.26 -8.46
N THR A 282 3.60 4.31 -7.64
CA THR A 282 3.12 5.64 -8.01
C THR A 282 4.15 6.27 -8.98
N PRO A 283 3.69 7.04 -9.99
CA PRO A 283 4.64 7.78 -10.83
C PRO A 283 5.28 8.96 -10.08
N THR A 284 4.77 9.29 -8.86
CA THR A 284 5.37 10.35 -8.02
C THR A 284 6.75 9.94 -7.51
N LEU A 285 7.17 8.66 -7.69
CA LEU A 285 8.54 8.22 -7.35
C LEU A 285 9.56 8.70 -8.42
N LEU A 286 9.09 9.14 -9.61
CA LEU A 286 9.96 9.53 -10.72
C LEU A 286 10.66 10.90 -10.52
N ALA A 287 11.51 10.97 -9.49
CA ALA A 287 12.24 12.17 -9.09
C ALA A 287 13.41 12.51 -10.05
N GLY A 288 13.87 11.53 -10.81
CA GLY A 288 14.99 11.67 -11.75
C GLY A 288 16.36 11.40 -11.15
N ASP A 289 16.45 11.10 -9.82
CA ASP A 289 17.75 10.87 -9.16
C ASP A 289 17.78 9.62 -8.29
N LYS A 290 16.72 8.77 -8.39
CA LYS A 290 16.58 7.50 -7.61
C LYS A 290 16.38 7.76 -6.09
N SER A 291 16.17 9.03 -5.68
CA SER A 291 16.04 9.40 -4.25
C SER A 291 14.85 8.76 -3.49
N LEU A 292 13.79 8.35 -4.18
CA LEU A 292 12.61 7.76 -3.53
C LEU A 292 12.58 6.22 -3.66
N SER A 293 13.75 5.62 -3.91
CA SER A 293 13.90 4.15 -4.09
C SER A 293 13.60 3.33 -2.85
N ASN A 294 13.50 3.95 -1.65
CA ASN A 294 13.18 3.19 -0.45
C ASN A 294 11.78 2.54 -0.60
N VAL A 295 10.88 3.14 -1.41
CA VAL A 295 9.56 2.58 -1.70
C VAL A 295 9.74 1.23 -2.42
N ILE A 296 10.73 1.12 -3.34
CA ILE A 296 11.03 -0.16 -4.02
C ILE A 296 11.54 -1.16 -2.99
N ALA A 297 12.48 -0.74 -2.13
CA ALA A 297 13.05 -1.62 -1.08
C ALA A 297 11.91 -2.14 -0.16
N HIS A 298 10.95 -1.27 0.17
CA HIS A 298 9.77 -1.61 0.98
C HIS A 298 8.93 -2.65 0.24
N GLU A 299 8.59 -2.40 -1.04
CA GLU A 299 7.78 -3.38 -1.82
C GLU A 299 8.48 -4.74 -1.99
N ILE A 300 9.80 -4.70 -2.22
CA ILE A 300 10.62 -5.89 -2.33
C ILE A 300 10.55 -6.68 -1.03
N SER A 301 10.69 -5.99 0.14
CA SER A 301 10.66 -6.64 1.46
C SER A 301 9.36 -7.39 1.73
N HIS A 302 8.23 -6.88 1.19
CA HIS A 302 6.93 -7.52 1.33
C HIS A 302 6.87 -8.94 0.72
N SER A 303 7.81 -9.28 -0.20
CA SER A 303 7.89 -10.61 -0.80
C SER A 303 8.16 -11.66 0.28
N TRP A 304 8.67 -11.22 1.45
CA TRP A 304 8.89 -12.09 2.61
C TRP A 304 7.83 -11.74 3.71
N THR A 305 7.88 -10.50 4.24
CA THR A 305 6.99 -10.03 5.32
C THR A 305 5.70 -9.40 4.75
N GLY A 306 4.63 -10.18 4.72
CA GLY A 306 3.34 -9.80 4.19
C GLY A 306 2.87 -10.83 3.17
N ASN A 307 3.70 -11.09 2.13
CA ASN A 307 3.33 -12.05 1.08
C ASN A 307 3.57 -13.51 1.41
N LEU A 308 4.63 -13.82 2.19
CA LEU A 308 4.92 -15.20 2.66
C LEU A 308 4.33 -15.36 4.05
N VAL A 309 4.73 -14.49 5.00
CA VAL A 309 4.19 -14.44 6.36
C VAL A 309 3.12 -13.35 6.30
N THR A 310 1.83 -13.71 6.48
CA THR A 310 0.72 -12.76 6.34
C THR A 310 -0.04 -12.54 7.65
N ASN A 311 -0.61 -11.33 7.84
CA ASN A 311 -1.46 -11.05 9.00
C ASN A 311 -2.78 -11.84 8.87
N LYS A 312 -3.17 -12.57 9.94
CA LYS A 312 -4.38 -13.40 9.97
C LYS A 312 -5.66 -12.58 9.77
N THR A 313 -5.71 -11.38 10.36
CA THR A 313 -6.82 -10.44 10.21
C THR A 313 -6.18 -9.05 10.08
N TRP A 314 -6.99 -8.08 9.66
CA TRP A 314 -6.53 -6.70 9.53
C TRP A 314 -6.17 -6.01 10.84
N ASP A 315 -6.62 -6.57 11.98
CA ASP A 315 -6.26 -6.09 13.32
C ASP A 315 -4.76 -6.22 13.55
N HIS A 316 -4.11 -7.17 12.86
CA HIS A 316 -2.70 -7.51 12.99
C HIS A 316 -1.84 -7.01 11.80
N PHE A 317 -2.38 -6.02 11.04
CA PHE A 317 -1.70 -5.37 9.91
C PHE A 317 -0.29 -4.89 10.22
N TRP A 318 -0.04 -4.47 11.47
CA TRP A 318 1.30 -4.02 11.90
C TRP A 318 2.37 -5.10 11.65
N LEU A 319 2.01 -6.41 11.73
CA LEU A 319 2.94 -7.51 11.47
C LEU A 319 3.54 -7.40 10.07
N ASN A 320 2.67 -7.13 9.08
CA ASN A 320 3.04 -6.92 7.69
C ASN A 320 3.90 -5.67 7.55
N GLU A 321 3.41 -4.53 8.05
CA GLU A 321 4.09 -3.26 7.87
C GLU A 321 5.34 -3.00 8.69
N GLY A 322 5.27 -3.31 9.98
CA GLY A 322 6.39 -3.11 10.91
C GLY A 322 7.61 -3.89 10.44
N HIS A 323 7.44 -5.19 10.15
CA HIS A 323 8.56 -6.03 9.69
C HIS A 323 9.08 -5.61 8.31
N THR A 324 8.20 -5.15 7.42
CA THR A 324 8.60 -4.69 6.09
C THR A 324 9.47 -3.43 6.17
N VAL A 325 9.05 -2.44 7.01
CA VAL A 325 9.81 -1.18 7.17
C VAL A 325 11.17 -1.52 7.78
N TYR A 326 11.15 -2.47 8.73
CA TYR A 326 12.38 -2.93 9.37
C TYR A 326 13.37 -3.51 8.31
N LEU A 327 12.88 -4.39 7.44
CA LEU A 327 13.68 -4.98 6.36
C LEU A 327 14.12 -3.93 5.30
N GLU A 328 13.20 -3.02 4.94
CA GLU A 328 13.42 -1.92 3.98
C GLU A 328 14.60 -1.05 4.49
N ARG A 329 14.58 -0.70 5.78
CA ARG A 329 15.64 0.12 6.39
C ARG A 329 16.99 -0.59 6.43
N HIS A 330 16.97 -1.94 6.59
CA HIS A 330 18.21 -2.72 6.48
C HIS A 330 18.76 -2.74 5.05
N ILE A 331 17.90 -2.86 4.03
CA ILE A 331 18.33 -2.85 2.62
C ILE A 331 19.02 -1.49 2.36
N CYS A 332 18.35 -0.40 2.71
CA CYS A 332 18.90 0.94 2.52
C CYS A 332 20.20 1.15 3.37
N GLY A 333 20.25 0.51 4.53
CA GLY A 333 21.43 0.50 5.39
C GLY A 333 22.61 -0.24 4.74
N ARG A 334 22.35 -1.38 4.07
CA ARG A 334 23.41 -2.13 3.38
C ARG A 334 23.93 -1.37 2.16
N LEU A 335 23.02 -0.73 1.40
CA LEU A 335 23.38 0.06 0.23
C LEU A 335 24.10 1.35 0.56
N PHE A 336 23.64 2.08 1.59
CA PHE A 336 24.15 3.43 1.88
C PHE A 336 24.90 3.65 3.20
N GLY A 337 24.88 2.66 4.08
CA GLY A 337 25.57 2.75 5.36
C GLY A 337 24.60 2.81 6.53
N GLU A 338 25.10 2.41 7.68
CA GLU A 338 24.36 2.34 8.95
C GLU A 338 23.86 3.73 9.40
N LYS A 339 24.66 4.80 9.20
CA LYS A 339 24.25 6.17 9.53
C LYS A 339 22.96 6.56 8.78
N PHE A 340 22.82 6.08 7.53
CA PHE A 340 21.64 6.33 6.70
C PHE A 340 20.42 5.57 7.22
N ARG A 341 20.60 4.32 7.71
CA ARG A 341 19.51 3.52 8.26
C ARG A 341 19.00 4.26 9.50
N HIS A 342 19.90 4.81 10.34
CA HIS A 342 19.51 5.57 11.54
C HIS A 342 18.78 6.88 11.16
N PHE A 343 19.22 7.55 10.09
CA PHE A 343 18.59 8.78 9.56
C PHE A 343 17.13 8.45 9.18
N ASN A 344 16.92 7.34 8.41
CA ASN A 344 15.59 6.91 7.96
C ASN A 344 14.73 6.52 9.14
N ALA A 345 15.31 5.77 10.11
CA ALA A 345 14.64 5.33 11.34
C ALA A 345 14.13 6.54 12.14
N LEU A 346 15.01 7.56 12.34
CA LEU A 346 14.67 8.78 13.08
C LEU A 346 13.59 9.60 12.37
N GLY A 347 13.65 9.62 11.03
CA GLY A 347 12.63 10.26 10.21
C GLY A 347 11.27 9.59 10.43
N GLY A 348 11.29 8.26 10.53
CA GLY A 348 10.08 7.47 10.76
C GLY A 348 9.43 7.77 12.10
N TRP A 349 10.24 8.01 13.15
CA TRP A 349 9.75 8.39 14.47
C TRP A 349 9.02 9.74 14.35
N GLY A 350 9.58 10.66 13.56
CA GLY A 350 9.02 11.98 13.31
C GLY A 350 7.65 11.87 12.66
N GLU A 351 7.51 10.93 11.70
CA GLU A 351 6.24 10.67 11.01
C GLU A 351 5.24 10.09 11.99
N LEU A 352 5.71 9.24 12.94
CA LEU A 352 4.85 8.66 13.96
C LEU A 352 4.31 9.74 14.90
N GLN A 353 5.17 10.72 15.31
CA GLN A 353 4.76 11.85 16.16
C GLN A 353 3.61 12.62 15.47
N ASN A 354 3.76 12.88 14.17
CA ASN A 354 2.78 13.56 13.33
C ASN A 354 1.45 12.83 13.32
N SER A 355 1.46 11.49 13.10
CA SER A 355 0.24 10.67 13.07
C SER A 355 -0.48 10.67 14.42
N VAL A 356 0.27 10.47 15.53
CA VAL A 356 -0.28 10.46 16.89
C VAL A 356 -0.94 11.84 17.17
N LYS A 357 -0.25 12.93 16.79
CA LYS A 357 -0.74 14.30 16.97
C LYS A 357 -2.00 14.54 16.15
N THR A 358 -2.07 14.02 14.90
CA THR A 358 -3.23 14.14 13.99
C THR A 358 -4.49 13.45 14.54
N PHE A 359 -4.38 12.18 14.97
CA PHE A 359 -5.52 11.43 15.52
C PHE A 359 -5.85 11.84 16.96
N GLY A 360 -4.82 12.15 17.72
CA GLY A 360 -4.89 12.43 19.15
C GLY A 360 -4.24 11.26 19.86
N GLU A 361 -3.52 11.53 20.95
CA GLU A 361 -2.77 10.53 21.72
C GLU A 361 -3.61 9.39 22.36
N THR A 362 -4.94 9.56 22.46
CA THR A 362 -5.81 8.55 23.08
C THR A 362 -6.65 7.81 22.01
N HIS A 363 -6.50 8.18 20.73
CA HIS A 363 -7.26 7.61 19.62
C HIS A 363 -6.97 6.12 19.41
N PRO A 364 -8.04 5.29 19.25
CA PRO A 364 -7.81 3.84 19.03
C PRO A 364 -7.00 3.45 17.79
N PHE A 365 -6.92 4.32 16.76
CA PHE A 365 -6.12 4.05 15.55
C PHE A 365 -4.61 4.25 15.77
N THR A 366 -4.21 4.70 16.98
CA THR A 366 -2.79 4.88 17.33
C THR A 366 -2.28 3.67 18.09
N LYS A 367 -3.18 2.71 18.34
CA LYS A 367 -2.84 1.44 18.97
C LYS A 367 -2.11 0.62 17.89
N LEU A 368 -1.15 -0.23 18.31
CA LEU A 368 -0.43 -1.11 17.38
C LEU A 368 -1.39 -2.19 16.85
N VAL A 369 -2.07 -2.92 17.74
CA VAL A 369 -3.08 -3.92 17.41
C VAL A 369 -4.40 -3.15 17.51
N VAL A 370 -5.11 -3.04 16.38
CA VAL A 370 -6.35 -2.29 16.31
C VAL A 370 -7.57 -3.22 16.37
N ASP A 371 -8.74 -2.67 16.68
CA ASP A 371 -9.97 -3.43 16.70
C ASP A 371 -10.81 -2.84 15.57
N LEU A 372 -10.84 -3.53 14.42
CA LEU A 372 -11.57 -3.07 13.25
C LEU A 372 -13.03 -3.46 13.16
N THR A 373 -13.64 -3.92 14.29
CA THR A 373 -15.07 -4.24 14.35
C THR A 373 -15.83 -2.96 13.99
N ASP A 374 -16.63 -3.03 12.92
CA ASP A 374 -17.43 -1.89 12.45
C ASP A 374 -16.62 -0.64 12.00
N ILE A 375 -15.36 -0.84 11.61
CA ILE A 375 -14.45 0.19 11.11
C ILE A 375 -14.01 -0.20 9.69
N ASP A 376 -14.19 0.74 8.75
CA ASP A 376 -13.72 0.58 7.39
C ASP A 376 -12.17 0.64 7.45
N PRO A 377 -11.44 -0.44 7.06
CA PRO A 377 -9.95 -0.40 7.11
C PRO A 377 -9.31 0.80 6.39
N ASP A 378 -9.95 1.31 5.29
CA ASP A 378 -9.45 2.49 4.56
C ASP A 378 -9.47 3.76 5.43
N VAL A 379 -10.42 3.86 6.36
CA VAL A 379 -10.53 5.01 7.27
C VAL A 379 -9.42 4.91 8.36
N ALA A 380 -9.09 3.67 8.80
CA ALA A 380 -8.07 3.43 9.83
C ALA A 380 -6.63 3.52 9.34
N TYR A 381 -6.43 3.43 8.02
CA TYR A 381 -5.11 3.45 7.40
C TYR A 381 -4.31 4.70 7.74
N SER A 382 -3.06 4.49 8.17
CA SER A 382 -2.11 5.57 8.53
C SER A 382 -0.69 4.98 8.65
N SER A 383 0.25 5.83 9.07
CA SER A 383 1.67 5.54 9.31
C SER A 383 1.87 4.76 10.60
N VAL A 384 0.85 4.69 11.48
CA VAL A 384 0.96 4.01 12.80
C VAL A 384 1.45 2.55 12.71
N PRO A 385 0.79 1.63 11.97
CA PRO A 385 1.32 0.23 11.92
C PRO A 385 2.72 0.15 11.31
N TYR A 386 3.08 1.08 10.40
CA TYR A 386 4.41 1.15 9.78
C TYR A 386 5.46 1.57 10.79
N GLU A 387 5.26 2.75 11.40
CA GLU A 387 6.20 3.42 12.30
C GLU A 387 6.19 3.00 13.73
N LYS A 388 5.01 2.71 14.29
CA LYS A 388 4.99 2.18 15.65
C LYS A 388 5.50 0.74 15.59
N GLY A 389 5.12 0.03 14.52
CA GLY A 389 5.57 -1.34 14.25
C GLY A 389 7.08 -1.35 14.13
N PHE A 390 7.64 -0.45 13.29
CA PHE A 390 9.10 -0.34 13.13
C PHE A 390 9.76 0.01 14.46
N ALA A 391 9.19 1.00 15.21
CA ALA A 391 9.76 1.45 16.50
C ALA A 391 9.91 0.32 17.50
N LEU A 392 8.92 -0.58 17.56
CA LEU A 392 8.96 -1.74 18.43
C LEU A 392 10.11 -2.69 18.08
N LEU A 393 10.24 -3.04 16.80
CA LEU A 393 11.30 -3.95 16.31
C LEU A 393 12.68 -3.35 16.48
N PHE A 394 12.79 -2.02 16.27
CA PHE A 394 14.07 -1.30 16.41
C PHE A 394 14.46 -1.25 17.89
N TYR A 395 13.48 -1.06 18.78
CA TYR A 395 13.66 -1.10 20.23
C TYR A 395 14.14 -2.48 20.67
N LEU A 396 13.45 -3.54 20.20
CA LEU A 396 13.79 -4.94 20.46
C LEU A 396 15.20 -5.28 19.98
N GLU A 397 15.57 -4.85 18.75
CA GLU A 397 16.92 -5.01 18.17
C GLU A 397 17.98 -4.48 19.16
N GLN A 398 17.77 -3.26 19.68
CA GLN A 398 18.69 -2.61 20.63
C GLN A 398 18.76 -3.33 21.95
N LEU A 399 17.60 -3.81 22.43
CA LEU A 399 17.45 -4.53 23.68
C LEU A 399 18.07 -5.94 23.62
N LEU A 400 17.99 -6.61 22.46
CA LEU A 400 18.46 -7.99 22.24
C LEU A 400 19.90 -8.24 21.77
N GLY A 401 20.68 -7.18 21.56
CA GLY A 401 22.08 -7.34 21.16
C GLY A 401 22.52 -6.77 19.83
N GLY A 402 21.64 -6.06 19.13
CA GLY A 402 22.00 -5.42 17.87
C GLY A 402 21.42 -5.97 16.58
N PRO A 403 21.70 -5.26 15.43
CA PRO A 403 21.11 -5.68 14.15
C PRO A 403 21.41 -7.10 13.69
N GLU A 404 22.67 -7.58 13.83
CA GLU A 404 23.02 -8.93 13.40
C GLU A 404 22.18 -10.00 14.10
N ILE A 405 22.06 -9.89 15.44
CA ILE A 405 21.24 -10.78 16.26
C ILE A 405 19.75 -10.69 15.86
N PHE A 406 19.20 -9.47 15.72
CA PHE A 406 17.79 -9.29 15.36
C PHE A 406 17.47 -9.76 13.95
N LEU A 407 18.40 -9.60 12.98
CA LEU A 407 18.21 -10.13 11.62
C LEU A 407 18.14 -11.66 11.61
N GLY A 408 18.85 -12.30 12.53
CA GLY A 408 18.82 -13.76 12.71
C GLY A 408 17.42 -14.20 13.11
N PHE A 409 16.76 -13.40 13.97
CA PHE A 409 15.39 -13.68 14.37
C PHE A 409 14.46 -13.45 13.17
N LEU A 410 14.64 -12.34 12.44
CA LEU A 410 13.77 -12.06 11.30
C LEU A 410 13.78 -13.19 10.25
N LYS A 411 14.97 -13.73 9.92
CA LYS A 411 15.07 -14.83 8.95
C LYS A 411 14.39 -16.10 9.48
N ALA A 412 14.59 -16.43 10.78
CA ALA A 412 13.94 -17.58 11.42
C ALA A 412 12.42 -17.40 11.45
N TYR A 413 11.93 -16.16 11.71
CA TYR A 413 10.50 -15.81 11.72
C TYR A 413 9.87 -16.03 10.33
N VAL A 414 10.54 -15.53 9.27
CA VAL A 414 10.08 -15.74 7.89
C VAL A 414 10.01 -17.25 7.56
N GLU A 415 11.06 -18.04 7.93
CA GLU A 415 11.11 -19.48 7.67
C GLU A 415 9.97 -20.18 8.41
N LYS A 416 9.82 -19.86 9.71
CA LYS A 416 8.78 -20.41 10.59
C LYS A 416 7.36 -20.22 10.05
N PHE A 417 7.03 -19.00 9.63
CA PHE A 417 5.65 -18.71 9.22
C PHE A 417 5.36 -18.58 7.73
N SER A 418 6.31 -18.98 6.87
CA SER A 418 6.13 -18.96 5.41
C SER A 418 4.87 -19.73 4.97
N TYR A 419 4.07 -19.07 4.10
CA TYR A 419 2.83 -19.63 3.54
C TYR A 419 1.70 -19.69 4.59
N LYS A 420 1.91 -19.06 5.75
CA LYS A 420 0.91 -19.04 6.82
C LYS A 420 0.35 -17.65 7.09
N SER A 421 -0.77 -17.57 7.83
CA SER A 421 -1.41 -16.32 8.28
C SER A 421 -1.40 -16.34 9.79
N ILE A 422 -0.79 -15.31 10.40
CA ILE A 422 -0.52 -15.29 11.84
C ILE A 422 -1.05 -14.06 12.58
N THR A 423 -1.11 -14.16 13.91
CA THR A 423 -1.57 -13.05 14.78
C THR A 423 -0.36 -12.51 15.53
N THR A 424 -0.58 -11.41 16.29
CA THR A 424 0.42 -10.78 17.15
C THR A 424 0.92 -11.79 18.19
N ASP A 425 0.02 -12.61 18.77
CA ASP A 425 0.38 -13.64 19.75
C ASP A 425 1.31 -14.70 19.20
N ASP A 426 1.06 -15.15 17.94
CA ASP A 426 1.92 -16.10 17.20
C ASP A 426 3.32 -15.49 17.07
N TRP A 427 3.41 -14.23 16.61
CA TRP A 427 4.69 -13.50 16.52
C TRP A 427 5.39 -13.43 17.88
N LYS A 428 4.65 -13.02 18.95
CA LYS A 428 5.19 -12.88 20.31
C LYS A 428 5.71 -14.21 20.88
N ASP A 429 4.96 -15.29 20.65
CA ASP A 429 5.34 -16.64 21.09
C ASP A 429 6.67 -17.04 20.44
N PHE A 430 6.81 -16.82 19.11
CA PHE A 430 8.04 -17.15 18.39
C PHE A 430 9.19 -16.30 18.86
N LEU A 431 8.95 -14.98 19.11
CA LEU A 431 9.97 -14.07 19.62
C LEU A 431 10.56 -14.60 20.94
N TYR A 432 9.68 -15.08 21.86
CA TYR A 432 10.07 -15.66 23.15
C TYR A 432 10.78 -16.99 22.96
N SER A 433 10.31 -17.81 22.03
CA SER A 433 10.95 -19.10 21.70
C SER A 433 12.37 -18.88 21.15
N TYR A 434 12.53 -18.00 20.15
CA TYR A 434 13.84 -17.70 19.53
C TYR A 434 14.81 -17.11 20.55
N PHE A 435 14.34 -16.14 21.35
CA PHE A 435 15.13 -15.46 22.37
C PHE A 435 14.95 -16.05 23.77
N LYS A 436 14.81 -17.39 23.84
CA LYS A 436 14.65 -18.13 25.10
C LYS A 436 15.75 -17.82 26.14
N ASP A 437 16.98 -17.55 25.68
CA ASP A 437 18.10 -17.20 26.57
C ASP A 437 18.13 -15.72 26.99
N LYS A 438 17.18 -14.92 26.47
CA LYS A 438 17.04 -13.49 26.80
C LYS A 438 15.61 -13.13 27.24
N VAL A 439 14.86 -14.10 27.79
CA VAL A 439 13.49 -13.92 28.26
C VAL A 439 13.38 -12.89 29.41
N ASP A 440 14.43 -12.81 30.26
CA ASP A 440 14.51 -11.84 31.37
C ASP A 440 14.49 -10.42 30.80
N VAL A 441 15.21 -10.21 29.68
CA VAL A 441 15.26 -8.94 28.96
C VAL A 441 13.89 -8.66 28.32
N LEU A 442 13.29 -9.67 27.69
CA LEU A 442 11.97 -9.59 27.06
C LEU A 442 10.86 -9.25 28.05
N ASN A 443 10.98 -9.70 29.30
CA ASN A 443 10.00 -9.42 30.37
C ASN A 443 10.05 -7.96 30.88
N GLN A 444 11.07 -7.19 30.45
CA GLN A 444 11.20 -5.77 30.80
C GLN A 444 10.40 -4.92 29.82
N VAL A 445 9.99 -5.51 28.68
CA VAL A 445 9.18 -4.83 27.67
C VAL A 445 7.75 -4.64 28.21
N ASP A 446 7.21 -3.40 28.13
CA ASP A 446 5.84 -3.10 28.55
C ASP A 446 4.96 -3.51 27.36
N TRP A 447 4.67 -4.83 27.26
CA TRP A 447 3.89 -5.42 26.18
C TRP A 447 2.52 -4.79 26.01
N ASN A 448 1.80 -4.60 27.14
CA ASN A 448 0.47 -3.99 27.12
C ASN A 448 0.48 -2.60 26.50
N ALA A 449 1.48 -1.75 26.85
CA ALA A 449 1.58 -0.41 26.28
C ALA A 449 1.93 -0.42 24.78
N TRP A 450 2.99 -1.16 24.41
CA TRP A 450 3.48 -1.26 23.03
C TRP A 450 2.42 -1.78 22.07
N LEU A 451 1.73 -2.86 22.46
CA LEU A 451 0.74 -3.49 21.60
C LEU A 451 -0.66 -2.92 21.63
N TYR A 452 -1.18 -2.60 22.85
CA TYR A 452 -2.58 -2.23 23.03
C TYR A 452 -2.94 -0.82 23.47
N SER A 453 -1.95 -0.01 23.82
CA SER A 453 -2.20 1.37 24.25
C SER A 453 -2.08 2.39 23.13
N PRO A 454 -2.94 3.43 23.16
CA PRO A 454 -2.80 4.49 22.16
C PRO A 454 -1.60 5.40 22.46
N GLY A 455 -1.30 6.29 21.52
CA GLY A 455 -0.26 7.30 21.66
C GLY A 455 1.13 6.87 21.27
N LEU A 456 2.12 7.70 21.64
CA LEU A 456 3.51 7.42 21.36
C LEU A 456 3.95 6.19 22.18
N PRO A 457 4.89 5.36 21.64
CA PRO A 457 5.38 4.19 22.39
C PRO A 457 5.93 4.58 23.77
N PRO A 458 5.99 3.64 24.76
CA PRO A 458 6.49 4.03 26.09
C PRO A 458 7.98 4.35 26.15
N ILE A 459 8.74 3.86 25.16
CA ILE A 459 10.19 4.05 25.05
C ILE A 459 10.55 4.47 23.64
N LYS A 460 11.45 5.45 23.52
CA LYS A 460 11.95 5.88 22.23
C LYS A 460 13.32 5.20 22.04
N PRO A 461 13.51 4.46 20.92
CA PRO A 461 14.84 3.86 20.66
C PRO A 461 16.00 4.87 20.62
N ASN A 462 17.24 4.36 20.61
CA ASN A 462 18.42 5.21 20.48
C ASN A 462 18.72 5.40 18.99
N TYR A 463 18.98 6.64 18.56
CA TYR A 463 19.25 6.91 17.15
C TYR A 463 20.51 7.71 16.96
N ASP A 464 21.36 7.25 16.04
CA ASP A 464 22.53 8.02 15.62
C ASP A 464 21.97 9.30 14.97
N MET A 465 22.53 10.45 15.35
CA MET A 465 22.09 11.78 14.91
C MET A 465 22.93 12.38 13.79
N THR A 466 24.06 11.73 13.42
CA THR A 466 25.03 12.23 12.44
C THR A 466 24.43 12.98 11.24
N LEU A 467 23.55 12.32 10.49
CA LEU A 467 22.95 12.91 9.30
C LEU A 467 21.77 13.85 9.56
N THR A 468 21.15 13.73 10.75
CA THR A 468 19.99 14.56 11.12
C THR A 468 20.41 15.94 11.66
N ASN A 469 21.56 16.04 12.35
CA ASN A 469 22.03 17.28 12.96
C ASN A 469 21.94 18.53 12.10
N ALA A 470 22.43 18.47 10.83
CA ALA A 470 22.39 19.61 9.91
C ALA A 470 20.96 20.08 9.59
N CYS A 471 20.00 19.11 9.51
CA CYS A 471 18.58 19.38 9.24
C CYS A 471 17.97 20.11 10.41
N ILE A 472 18.22 19.61 11.62
CA ILE A 472 17.75 20.21 12.86
C ILE A 472 18.34 21.61 13.01
N ALA A 473 19.67 21.74 12.81
CA ALA A 473 20.37 23.03 12.94
C ALA A 473 19.77 24.09 12.00
N LEU A 474 19.57 23.74 10.71
CA LEU A 474 18.96 24.69 9.77
C LEU A 474 17.49 25.05 10.08
N SER A 475 16.68 24.05 10.45
CA SER A 475 15.27 24.25 10.82
C SER A 475 15.18 25.21 12.04
N GLN A 476 16.04 25.00 13.06
CA GLN A 476 16.10 25.83 14.27
C GLN A 476 16.53 27.26 14.01
N ARG A 477 17.47 27.49 13.06
CA ARG A 477 17.88 28.83 12.62
C ARG A 477 16.65 29.54 12.06
N TRP A 478 15.86 28.86 11.19
CA TRP A 478 14.66 29.48 10.61
C TRP A 478 13.56 29.81 11.64
N ILE A 479 13.26 28.87 12.55
CA ILE A 479 12.23 29.00 13.61
C ILE A 479 12.54 30.14 14.60
N THR A 480 13.81 30.23 15.06
CA THR A 480 14.29 31.24 16.01
C THR A 480 14.64 32.57 15.35
N ALA A 481 14.71 32.61 14.00
CA ALA A 481 15.03 33.84 13.26
C ALA A 481 13.96 34.90 13.48
N LYS A 482 14.40 36.14 13.69
CA LYS A 482 13.55 37.32 13.74
C LYS A 482 13.69 37.98 12.37
N GLU A 483 12.90 39.05 12.11
CA GLU A 483 12.94 39.75 10.83
C GLU A 483 14.36 40.15 10.41
N ASP A 484 15.13 40.71 11.35
CA ASP A 484 16.49 41.17 11.11
C ASP A 484 17.55 40.06 10.87
N ASP A 485 17.17 38.77 11.03
CA ASP A 485 18.04 37.60 10.80
C ASP A 485 17.82 36.98 9.41
N LEU A 486 16.73 37.39 8.74
CA LEU A 486 16.35 36.85 7.43
C LEU A 486 17.39 37.08 6.31
N ASN A 487 18.09 38.23 6.37
CA ASN A 487 19.15 38.59 5.40
C ASN A 487 20.30 37.57 5.41
N SER A 488 20.60 36.97 6.59
CA SER A 488 21.68 36.00 6.76
C SER A 488 21.47 34.66 6.01
N PHE A 489 20.21 34.30 5.64
CA PHE A 489 19.97 33.07 4.88
C PHE A 489 20.35 33.25 3.38
N ASN A 490 20.91 32.19 2.79
CA ASN A 490 21.39 32.20 1.39
C ASN A 490 21.37 30.79 0.80
N ALA A 491 21.35 30.68 -0.55
CA ALA A 491 21.36 29.39 -1.26
C ALA A 491 22.49 28.44 -0.77
N THR A 492 23.60 29.01 -0.24
CA THR A 492 24.74 28.26 0.31
C THR A 492 24.40 27.39 1.54
N ASP A 493 23.33 27.75 2.30
CA ASP A 493 22.89 26.95 3.46
C ASP A 493 22.61 25.48 3.08
N LEU A 494 22.15 25.23 1.83
CA LEU A 494 21.79 23.91 1.33
C LEU A 494 22.89 23.15 0.58
N LYS A 495 24.07 23.74 0.35
CA LYS A 495 25.11 23.11 -0.47
C LYS A 495 25.52 21.69 -0.08
N ASP A 496 25.55 21.40 1.22
CA ASP A 496 25.95 20.11 1.76
C ASP A 496 24.77 19.22 2.17
N LEU A 497 23.54 19.60 1.80
CA LEU A 497 22.38 18.79 2.13
C LEU A 497 21.97 17.89 0.97
N SER A 498 21.79 16.58 1.24
CA SER A 498 21.29 15.65 0.21
C SER A 498 19.78 15.96 0.01
N SER A 499 19.09 15.30 -0.98
CA SER A 499 17.65 15.50 -1.15
C SER A 499 16.91 15.04 0.11
N HIS A 500 17.37 13.93 0.73
CA HIS A 500 16.80 13.36 1.95
C HIS A 500 16.91 14.36 3.10
N GLN A 501 18.07 15.03 3.23
CA GLN A 501 18.30 16.03 4.27
C GLN A 501 17.46 17.28 4.05
N LEU A 502 17.23 17.64 2.79
CA LEU A 502 16.41 18.78 2.42
C LEU A 502 14.96 18.48 2.83
N ASN A 503 14.53 17.24 2.59
CA ASN A 503 13.21 16.76 2.98
C ASN A 503 13.04 16.76 4.50
N GLU A 504 14.06 16.28 5.23
CA GLU A 504 14.04 16.25 6.69
C GLU A 504 14.04 17.68 7.26
N PHE A 505 14.79 18.61 6.62
CA PHE A 505 14.80 20.03 7.03
C PHE A 505 13.34 20.54 6.93
N LEU A 506 12.66 20.23 5.81
CA LEU A 506 11.27 20.66 5.66
C LEU A 506 10.35 19.99 6.64
N ALA A 507 10.57 18.67 6.92
CA ALA A 507 9.75 17.94 7.89
C ALA A 507 9.84 18.53 9.27
N GLN A 508 11.08 18.87 9.69
CA GLN A 508 11.34 19.48 11.01
C GLN A 508 10.62 20.85 11.14
N THR A 509 10.71 21.68 10.11
CA THR A 509 10.12 23.03 10.05
C THR A 509 8.59 22.96 10.03
N LEU A 510 8.03 22.00 9.24
CA LEU A 510 6.58 21.76 9.16
C LEU A 510 5.97 21.40 10.53
N GLN A 511 6.71 20.66 11.37
CA GLN A 511 6.27 20.30 12.73
C GLN A 511 6.01 21.54 13.60
N ARG A 512 6.63 22.69 13.27
CA ARG A 512 6.47 23.96 13.97
C ARG A 512 5.65 24.97 13.17
N ALA A 513 5.02 24.53 12.09
CA ALA A 513 4.20 25.41 11.24
C ALA A 513 2.93 25.86 12.01
N PRO A 514 2.43 27.09 11.78
CA PRO A 514 2.94 28.08 10.80
C PRO A 514 4.19 28.82 11.24
N LEU A 515 4.97 29.27 10.25
CA LEU A 515 6.07 30.21 10.47
C LEU A 515 5.56 31.56 9.97
N PRO A 516 6.17 32.70 10.36
CA PRO A 516 5.70 33.99 9.82
C PRO A 516 5.75 33.99 8.28
N LEU A 517 4.78 34.63 7.64
CA LEU A 517 4.69 34.73 6.19
C LEU A 517 5.98 35.26 5.54
N GLY A 518 6.60 36.27 6.17
CA GLY A 518 7.87 36.85 5.75
C GLY A 518 9.00 35.82 5.74
N HIS A 519 8.98 34.84 6.68
CA HIS A 519 10.01 33.78 6.72
C HIS A 519 9.87 32.86 5.50
N ILE A 520 8.63 32.48 5.16
CA ILE A 520 8.29 31.61 4.03
C ILE A 520 8.65 32.30 2.71
N LYS A 521 8.33 33.61 2.60
CA LYS A 521 8.69 34.38 1.39
C LYS A 521 10.20 34.39 1.22
N ARG A 522 10.96 34.59 2.33
CA ARG A 522 12.42 34.58 2.30
C ARG A 522 12.97 33.22 1.87
N MET A 523 12.36 32.12 2.36
CA MET A 523 12.74 30.76 2.03
C MET A 523 12.68 30.53 0.52
N GLN A 524 11.59 31.00 -0.13
CA GLN A 524 11.44 30.91 -1.57
C GLN A 524 12.49 31.77 -2.27
N GLU A 525 12.69 33.01 -1.78
CA GLU A 525 13.65 33.95 -2.34
C GLU A 525 15.09 33.36 -2.41
N VAL A 526 15.52 32.68 -1.33
CA VAL A 526 16.88 32.14 -1.21
C VAL A 526 17.07 30.69 -1.62
N TYR A 527 16.05 29.85 -1.44
CA TYR A 527 16.18 28.44 -1.73
C TYR A 527 15.45 28.00 -2.96
N ASN A 528 14.54 28.85 -3.47
CA ASN A 528 13.72 28.54 -4.65
C ASN A 528 13.11 27.10 -4.56
N PHE A 529 12.38 26.84 -3.46
CA PHE A 529 11.74 25.55 -3.25
C PHE A 529 10.63 25.27 -4.27
N ASN A 530 10.05 26.33 -4.87
CA ASN A 530 9.02 26.20 -5.91
C ASN A 530 9.53 25.42 -7.16
N ALA A 531 10.84 25.48 -7.45
CA ALA A 531 11.44 24.81 -8.61
C ALA A 531 11.66 23.30 -8.37
N ILE A 532 11.49 22.82 -7.14
CA ILE A 532 11.73 21.41 -6.83
C ILE A 532 10.54 20.53 -7.24
N ASN A 533 10.81 19.52 -8.09
CA ASN A 533 9.81 18.58 -8.60
C ASN A 533 9.73 17.30 -7.76
N ASN A 534 10.74 17.05 -6.90
CA ASN A 534 10.73 15.89 -6.00
C ASN A 534 9.42 15.96 -5.19
N SER A 535 8.52 14.96 -5.39
CA SER A 535 7.17 14.94 -4.79
C SER A 535 7.15 15.05 -3.26
N GLU A 536 8.07 14.37 -2.54
CA GLU A 536 8.13 14.44 -1.07
C GLU A 536 8.49 15.86 -0.59
N ILE A 537 9.53 16.45 -1.20
CA ILE A 537 9.99 17.79 -0.87
C ILE A 537 8.91 18.81 -1.24
N ARG A 538 8.36 18.70 -2.47
CA ARG A 538 7.36 19.65 -2.93
C ARG A 538 6.13 19.64 -2.02
N PHE A 539 5.66 18.43 -1.62
CA PHE A 539 4.52 18.25 -0.73
C PHE A 539 4.71 18.98 0.59
N ARG A 540 5.85 18.74 1.27
CA ARG A 540 6.16 19.35 2.55
C ARG A 540 6.28 20.86 2.44
N TRP A 541 6.91 21.34 1.35
CA TRP A 541 7.08 22.77 1.11
C TRP A 541 5.74 23.45 0.90
N LEU A 542 4.85 22.82 0.11
CA LEU A 542 3.53 23.43 -0.12
C LEU A 542 2.65 23.44 1.12
N ARG A 543 2.72 22.37 1.93
CA ARG A 543 2.02 22.27 3.21
C ARG A 543 2.52 23.42 4.11
N LEU A 544 3.84 23.66 4.10
CA LEU A 544 4.47 24.72 4.90
C LEU A 544 3.95 26.08 4.47
N CYS A 545 3.88 26.32 3.16
CA CYS A 545 3.36 27.57 2.59
C CYS A 545 1.89 27.82 2.94
N ILE A 546 1.02 26.80 2.77
CA ILE A 546 -0.44 26.90 3.01
C ILE A 546 -0.74 27.11 4.50
N GLN A 547 -0.11 26.31 5.39
CA GLN A 547 -0.28 26.46 6.84
C GLN A 547 0.27 27.81 7.30
N SER A 548 1.28 28.37 6.60
CA SER A 548 1.86 29.70 6.89
C SER A 548 1.12 30.82 6.16
N LYS A 549 -0.02 30.44 5.52
CA LYS A 549 -0.99 31.36 4.90
C LYS A 549 -0.48 32.20 3.73
N TRP A 550 0.32 31.60 2.86
CA TRP A 550 0.81 32.27 1.67
C TRP A 550 -0.17 32.03 0.52
N GLU A 551 -0.89 33.07 0.10
CA GLU A 551 -1.88 32.98 -0.97
C GLU A 551 -1.30 32.51 -2.30
N ASP A 552 -0.04 32.90 -2.61
CA ASP A 552 0.66 32.51 -3.86
C ASP A 552 0.81 30.99 -4.00
N ALA A 553 0.90 30.27 -2.86
CA ALA A 553 1.01 28.81 -2.87
C ALA A 553 -0.31 28.09 -3.19
N ILE A 554 -1.48 28.76 -2.97
CA ILE A 554 -2.83 28.18 -3.23
C ILE A 554 -2.91 27.49 -4.62
N PRO A 555 -2.65 28.15 -5.79
CA PRO A 555 -2.70 27.43 -7.09
C PRO A 555 -1.70 26.28 -7.22
N LEU A 556 -0.50 26.39 -6.60
CA LEU A 556 0.49 25.31 -6.64
C LEU A 556 0.00 24.08 -5.85
N ALA A 557 -0.54 24.31 -4.65
CA ALA A 557 -1.07 23.23 -3.80
C ALA A 557 -2.29 22.56 -4.44
N LEU A 558 -3.21 23.35 -5.06
CA LEU A 558 -4.40 22.81 -5.72
C LEU A 558 -4.00 21.89 -6.88
N LYS A 559 -2.99 22.32 -7.67
CA LYS A 559 -2.43 21.63 -8.81
C LYS A 559 -1.82 20.31 -8.34
N MET A 560 -0.97 20.34 -7.30
CA MET A 560 -0.40 19.08 -6.80
C MET A 560 -1.45 18.11 -6.26
N ALA A 561 -2.46 18.64 -5.55
CA ALA A 561 -3.51 17.81 -4.97
C ALA A 561 -4.33 17.08 -6.07
N THR A 562 -4.48 17.69 -7.25
CA THR A 562 -5.33 17.12 -8.31
C THR A 562 -4.60 16.45 -9.48
N GLU A 563 -3.37 16.89 -9.80
CA GLU A 563 -2.59 16.33 -10.92
C GLU A 563 -2.02 14.93 -10.59
N GLN A 564 -2.02 14.58 -9.31
CA GLN A 564 -1.65 13.27 -8.78
C GLN A 564 -2.67 12.91 -7.70
N GLY A 565 -2.79 11.63 -7.36
CA GLY A 565 -3.76 11.15 -6.38
C GLY A 565 -3.19 10.25 -5.30
N ARG A 566 -1.87 10.28 -5.09
CA ARG A 566 -1.29 9.47 -3.99
C ARG A 566 -1.82 10.11 -2.68
N MET A 567 -2.56 9.32 -1.91
CA MET A 567 -3.27 9.79 -0.71
C MET A 567 -2.42 10.48 0.33
N LYS A 568 -1.18 9.99 0.53
CA LYS A 568 -0.15 10.58 1.40
C LYS A 568 0.00 12.10 1.10
N PHE A 569 -0.14 12.49 -0.18
CA PHE A 569 -0.04 13.88 -0.62
C PHE A 569 -1.40 14.55 -0.79
N THR A 570 -2.31 13.95 -1.57
CA THR A 570 -3.62 14.54 -1.88
C THR A 570 -4.46 14.85 -0.61
N ARG A 571 -4.56 13.91 0.34
CA ARG A 571 -5.38 14.10 1.57
C ARG A 571 -4.90 15.29 2.42
N PRO A 572 -3.62 15.36 2.85
CA PRO A 572 -3.18 16.54 3.62
C PRO A 572 -3.23 17.86 2.85
N LEU A 573 -2.92 17.86 1.53
CA LEU A 573 -2.99 19.10 0.73
C LEU A 573 -4.43 19.61 0.69
N PHE A 574 -5.43 18.72 0.45
CA PHE A 574 -6.84 19.16 0.46
C PHE A 574 -7.24 19.69 1.82
N LYS A 575 -6.84 18.99 2.91
CA LYS A 575 -7.14 19.40 4.29
C LYS A 575 -6.49 20.73 4.65
N ASP A 576 -5.21 20.95 4.26
CA ASP A 576 -4.52 22.23 4.52
C ASP A 576 -5.24 23.38 3.82
N LEU A 577 -5.58 23.17 2.52
CA LEU A 577 -6.32 24.14 1.69
C LEU A 577 -7.71 24.46 2.26
N ALA A 578 -8.43 23.44 2.78
CA ALA A 578 -9.75 23.61 3.43
C ALA A 578 -9.60 24.38 4.74
N ALA A 579 -8.49 24.19 5.51
CA ALA A 579 -8.21 24.91 6.78
C ALA A 579 -7.72 26.37 6.58
N PHE A 580 -7.33 26.76 5.35
CA PHE A 580 -6.92 28.13 5.05
C PHE A 580 -8.15 28.86 4.48
N ASP A 581 -8.63 29.92 5.18
CA ASP A 581 -9.82 30.68 4.79
C ASP A 581 -9.80 31.13 3.33
N LYS A 582 -8.62 31.61 2.85
CA LYS A 582 -8.42 32.09 1.47
C LYS A 582 -8.60 31.00 0.40
N SER A 583 -8.32 29.74 0.76
CA SER A 583 -8.46 28.64 -0.20
C SER A 583 -9.62 27.67 0.07
N HIS A 584 -10.31 27.80 1.23
CA HIS A 584 -11.39 26.89 1.64
C HIS A 584 -12.39 26.55 0.53
N ASP A 585 -13.05 27.59 -0.04
CA ASP A 585 -14.05 27.44 -1.09
C ASP A 585 -13.49 26.74 -2.34
N GLN A 586 -12.25 27.11 -2.76
CA GLN A 586 -11.56 26.54 -3.92
C GLN A 586 -11.29 25.06 -3.70
N ALA A 587 -10.85 24.67 -2.48
CA ALA A 587 -10.56 23.27 -2.12
C ALA A 587 -11.83 22.44 -2.27
N VAL A 588 -12.96 22.93 -1.71
CA VAL A 588 -14.25 22.23 -1.77
C VAL A 588 -14.75 22.11 -3.21
N ARG A 589 -14.75 23.24 -3.96
CA ARG A 589 -15.20 23.24 -5.36
C ARG A 589 -14.32 22.38 -6.27
N THR A 590 -12.99 22.41 -6.07
CA THR A 590 -12.04 21.60 -6.83
C THR A 590 -12.31 20.12 -6.58
N TYR A 591 -12.57 19.75 -5.32
CA TYR A 591 -12.93 18.37 -4.99
C TYR A 591 -14.23 17.95 -5.69
N GLN A 592 -15.28 18.78 -5.60
CA GLN A 592 -16.58 18.52 -6.24
C GLN A 592 -16.47 18.28 -7.75
N GLU A 593 -15.68 19.13 -8.46
CA GLU A 593 -15.42 19.04 -9.91
C GLU A 593 -14.63 17.77 -10.27
N HIS A 594 -13.63 17.38 -9.46
CA HIS A 594 -12.79 16.21 -9.73
C HIS A 594 -13.32 14.87 -9.22
N LYS A 595 -14.22 14.89 -8.21
CA LYS A 595 -14.77 13.71 -7.54
C LYS A 595 -15.09 12.53 -8.47
N ALA A 596 -15.88 12.79 -9.54
CA ALA A 596 -16.32 11.75 -10.49
C ALA A 596 -15.18 11.03 -11.23
N SER A 597 -14.02 11.69 -11.43
CA SER A 597 -12.88 11.10 -12.13
C SER A 597 -11.70 10.70 -11.21
N MET A 598 -11.92 10.70 -9.88
CA MET A 598 -10.91 10.32 -8.87
C MET A 598 -11.02 8.83 -8.61
N HIS A 599 -9.98 8.23 -8.02
CA HIS A 599 -9.99 6.84 -7.57
C HIS A 599 -11.17 6.74 -6.55
N PRO A 600 -12.00 5.67 -6.53
CA PRO A 600 -13.14 5.65 -5.59
C PRO A 600 -12.79 5.72 -4.10
N VAL A 601 -11.67 5.11 -3.68
CA VAL A 601 -11.26 5.14 -2.27
C VAL A 601 -10.82 6.58 -1.91
N THR A 602 -9.95 7.19 -2.75
CA THR A 602 -9.43 8.56 -2.56
C THR A 602 -10.60 9.55 -2.51
N ALA A 603 -11.59 9.40 -3.42
CA ALA A 603 -12.78 10.23 -3.51
C ALA A 603 -13.55 10.16 -2.18
N MET A 604 -13.72 8.94 -1.64
CA MET A 604 -14.44 8.74 -0.39
C MET A 604 -13.71 9.44 0.77
N LEU A 605 -12.40 9.18 0.93
CA LEU A 605 -11.60 9.73 2.02
C LEU A 605 -11.42 11.25 2.00
N VAL A 606 -11.25 11.85 0.80
CA VAL A 606 -11.10 13.31 0.67
C VAL A 606 -12.43 13.97 1.05
N GLY A 607 -13.55 13.35 0.64
CA GLY A 607 -14.91 13.77 0.98
C GLY A 607 -15.13 13.82 2.49
N LYS A 608 -14.73 12.73 3.20
CA LYS A 608 -14.82 12.66 4.66
C LYS A 608 -13.95 13.73 5.32
N ASP A 609 -12.69 13.90 4.84
CA ASP A 609 -11.73 14.88 5.35
C ASP A 609 -12.27 16.32 5.22
N LEU A 610 -12.87 16.64 4.06
CA LEU A 610 -13.43 17.95 3.73
C LEU A 610 -14.88 18.14 4.23
N LYS A 611 -15.47 17.09 4.86
CA LYS A 611 -16.86 17.06 5.34
C LYS A 611 -17.84 17.46 4.23
N VAL A 612 -17.64 16.90 3.02
CA VAL A 612 -18.44 17.12 1.81
C VAL A 612 -19.06 15.76 1.48
N ASP A 613 -20.38 15.62 1.71
CA ASP A 613 -21.13 14.38 1.47
C ASP A 613 -21.51 14.18 -0.02
#